data_5N5D
#
_entry.id   5N5D
#
_cell.length_a   67.597
_cell.length_b   75.877
_cell.length_c   86.784
_cell.angle_alpha   90.00
_cell.angle_beta   90.00
_cell.angle_gamma   90.00
#
_symmetry.space_group_name_H-M   'P 21 21 21'
#
loop_
_entity.id
_entity.type
_entity.pdbx_description
1 polymer Methyltransferase
2 non-polymer (R,R)-2,3-BUTANEDIOL
3 non-polymer GLYCEROL
4 non-polymer S-ADENOSYLMETHIONINE
5 non-polymer 'SULFATE ION'
6 water water
#
_entity_poly.entity_id   1
_entity_poly.type   'polypeptide(L)'
_entity_poly.pdbx_seq_one_letter_code
;GPHMMEQERWNSVDVYFSSLLVKEDEALSKAAQAHREFDLPDLAVSAPQGKLLHLLARLRQARRILEIGTFGGYSSIWLA
RALPPDGRLVTIEWERSFAESAASRLAEAGVAHLVEQHVGRALDILPTLDRPGTAPFDMVFVDANKPDIPEYFTWALKLS
RPGAVVVVDNVVLGGAVTDPDHPDAGVQGVRRFHEMLAGRSDVTATSIQTVGTKGYDGFTLALVTG
;
_entity_poly.pdbx_strand_id   A,B
#
# COMPACT_ATOMS: atom_id res chain seq x y z
N HIS A 3 17.38 26.26 -7.32
CA HIS A 3 16.11 25.50 -7.49
C HIS A 3 16.31 24.02 -7.21
N MET A 4 15.32 23.40 -6.57
CA MET A 4 15.47 22.03 -6.13
C MET A 4 15.71 21.09 -7.29
N MET A 5 16.68 20.19 -7.12
CA MET A 5 16.85 19.08 -8.04
C MET A 5 15.78 18.03 -7.77
N GLU A 6 15.70 17.02 -8.65
CA GLU A 6 14.59 16.08 -8.58
C GLU A 6 14.56 15.35 -7.26
N GLN A 7 15.69 14.80 -6.84
CA GLN A 7 15.72 14.08 -5.57
C GLN A 7 15.35 15.01 -4.42
N GLU A 8 15.75 16.28 -4.51
CA GLU A 8 15.40 17.23 -3.47
C GLU A 8 13.88 17.45 -3.40
N ARG A 9 13.22 17.46 -4.55
CA ARG A 9 11.77 17.60 -4.56
C ARG A 9 11.10 16.38 -3.92
N TRP A 10 11.52 15.18 -4.32
CA TRP A 10 10.98 13.98 -3.71
C TRP A 10 11.23 13.96 -2.21
N ASN A 11 12.44 14.38 -1.78
CA ASN A 11 12.72 14.48 -0.35
C ASN A 11 11.77 15.43 0.33
N SER A 12 11.58 16.62 -0.26
CA SER A 12 10.78 17.66 0.39
CA SER A 12 10.79 17.66 0.39
C SER A 12 9.36 17.20 0.63
N VAL A 13 8.77 16.50 -0.34
CA VAL A 13 7.42 15.98 -0.17
C VAL A 13 7.40 14.88 0.90
N ASP A 14 8.38 13.97 0.87
CA ASP A 14 8.44 12.92 1.88
C ASP A 14 8.62 13.51 3.27
N VAL A 15 9.54 14.46 3.42
CA VAL A 15 9.77 15.10 4.71
C VAL A 15 8.50 15.78 5.19
N TYR A 16 7.77 16.42 4.27
CA TYR A 16 6.53 17.10 4.64
C TYR A 16 5.50 16.11 5.17
N PHE A 17 5.19 15.07 4.41
CA PHE A 17 4.22 14.08 4.87
C PHE A 17 4.69 13.43 6.17
N SER A 18 5.97 13.04 6.21
CA SER A 18 6.54 12.41 7.40
C SER A 18 6.38 13.30 8.63
N SER A 19 6.66 14.60 8.47
CA SER A 19 6.62 15.50 9.61
C SER A 19 5.26 15.50 10.28
N LEU A 20 4.20 15.29 9.53
CA LEU A 20 2.85 15.31 10.07
C LEU A 20 2.33 13.93 10.45
N LEU A 21 2.80 12.87 9.78
CA LEU A 21 2.18 11.56 9.93
C LEU A 21 3.01 10.52 10.66
N VAL A 22 4.34 10.63 10.66
CA VAL A 22 5.19 9.53 11.12
C VAL A 22 6.13 10.04 12.20
N LYS A 23 6.04 9.47 13.38
CA LYS A 23 6.94 9.78 14.49
C LYS A 23 8.02 8.70 14.60
N GLU A 24 9.24 9.14 14.88
CA GLU A 24 10.33 8.24 15.21
C GLU A 24 10.79 8.54 16.64
N ASP A 25 10.78 7.52 17.49
CA ASP A 25 11.35 7.63 18.82
C ASP A 25 12.83 7.29 18.76
N GLU A 26 13.48 7.21 19.92
CA GLU A 26 14.92 6.98 19.96
CA GLU A 26 14.93 6.97 19.95
C GLU A 26 15.29 5.70 19.19
N ALA A 27 14.59 4.61 19.48
CA ALA A 27 14.96 3.33 18.85
C ALA A 27 14.90 3.43 17.33
N LEU A 28 13.84 4.03 16.79
CA LEU A 28 13.71 4.15 15.35
C LEU A 28 14.73 5.12 14.77
N SER A 29 14.93 6.27 15.40
CA SER A 29 15.89 7.23 14.88
CA SER A 29 15.89 7.23 14.88
C SER A 29 17.30 6.67 14.90
N LYS A 30 17.63 5.85 15.91
CA LYS A 30 18.93 5.21 15.96
CA LYS A 30 18.94 5.21 15.95
C LYS A 30 19.03 4.10 14.91
N ALA A 31 18.00 3.27 14.81
CA ALA A 31 18.01 2.19 13.82
C ALA A 31 18.18 2.75 12.41
N ALA A 32 17.60 3.92 12.14
CA ALA A 32 17.69 4.53 10.82
C ALA A 32 19.13 4.89 10.44
N GLN A 33 20.06 4.96 11.40
CA GLN A 33 21.44 5.34 11.13
CA GLN A 33 21.44 5.34 11.13
C GLN A 33 22.37 4.13 11.08
N ALA A 34 21.83 2.91 11.08
CA ALA A 34 22.67 1.72 11.12
C ALA A 34 23.68 1.70 9.99
N HIS A 35 23.31 2.19 8.82
CA HIS A 35 24.21 2.15 7.67
C HIS A 35 25.48 2.96 7.91
N ARG A 36 25.38 4.04 8.69
CA ARG A 36 26.56 4.86 8.96
C ARG A 36 27.57 4.09 9.82
N GLU A 37 27.09 3.31 10.78
CA GLU A 37 27.98 2.47 11.58
C GLU A 37 28.79 1.52 10.71
N PHE A 38 28.22 1.06 9.60
CA PHE A 38 28.83 0.01 8.78
C PHE A 38 29.32 0.52 7.44
N ASP A 39 29.36 1.83 7.22
CA ASP A 39 29.89 2.41 5.99
C ASP A 39 29.15 1.88 4.76
N LEU A 40 27.83 1.90 4.83
CA LEU A 40 26.97 1.40 3.78
C LEU A 40 25.98 2.46 3.34
N PRO A 41 25.41 2.34 2.15
CA PRO A 41 24.26 3.18 1.79
C PRO A 41 23.10 2.88 2.72
N ASP A 42 22.13 3.79 2.73
CA ASP A 42 20.94 3.63 3.57
C ASP A 42 20.05 2.56 2.96
N LEU A 43 20.07 1.36 3.55
CA LEU A 43 19.34 0.22 3.04
C LEU A 43 17.96 0.06 3.66
N ALA A 44 17.62 0.86 4.67
CA ALA A 44 16.37 0.67 5.38
C ALA A 44 15.21 1.30 4.62
N VAL A 45 14.02 0.73 4.83
CA VAL A 45 12.80 1.40 4.38
C VAL A 45 12.79 2.80 4.97
N SER A 46 12.20 3.73 4.24
CA SER A 46 11.98 5.08 4.73
C SER A 46 10.95 5.06 5.86
N ALA A 47 10.82 6.20 6.55
CA ALA A 47 9.81 6.27 7.59
C ALA A 47 8.40 6.05 7.04
N PRO A 48 7.97 6.71 5.95
CA PRO A 48 6.63 6.44 5.44
C PRO A 48 6.43 5.00 5.01
N GLN A 49 7.49 4.37 4.47
CA GLN A 49 7.41 2.97 4.04
C GLN A 49 7.33 2.02 5.23
N GLY A 50 8.15 2.26 6.26
CA GLY A 50 8.05 1.46 7.46
C GLY A 50 6.68 1.59 8.10
N LYS A 51 6.14 2.82 8.13
CA LYS A 51 4.80 3.01 8.66
C LYS A 51 3.77 2.25 7.84
N LEU A 52 3.93 2.23 6.51
CA LEU A 52 3.00 1.46 5.69
C LEU A 52 3.07 -0.03 6.03
N LEU A 53 4.27 -0.59 6.18
CA LEU A 53 4.40 -1.98 6.60
C LEU A 53 3.67 -2.22 7.91
N HIS A 54 3.88 -1.32 8.87
CA HIS A 54 3.22 -1.38 10.17
C HIS A 54 1.70 -1.41 10.01
N LEU A 55 1.16 -0.51 9.18
CA LEU A 55 -0.28 -0.41 9.01
C LEU A 55 -0.85 -1.64 8.29
N LEU A 56 -0.12 -2.16 7.30
CA LEU A 56 -0.56 -3.38 6.64
C LEU A 56 -0.65 -4.54 7.62
N ALA A 57 0.35 -4.69 8.50
CA ALA A 57 0.29 -5.74 9.51
C ALA A 57 -0.91 -5.57 10.43
N ARG A 58 -1.17 -4.33 10.85
CA ARG A 58 -2.30 -4.09 11.75
C ARG A 58 -3.63 -4.32 11.05
N LEU A 59 -3.73 -3.92 9.79
CA LEU A 59 -4.97 -4.15 9.04
C LEU A 59 -5.24 -5.64 8.89
N ARG A 60 -4.19 -6.43 8.68
CA ARG A 60 -4.30 -7.88 8.61
C ARG A 60 -4.51 -8.51 9.98
N GLN A 61 -4.36 -7.75 11.07
CA GLN A 61 -4.37 -8.31 12.41
CA GLN A 61 -4.36 -8.30 12.42
C GLN A 61 -3.37 -9.45 12.51
N ALA A 62 -2.18 -9.22 11.96
CA ALA A 62 -1.13 -10.21 11.95
C ALA A 62 -0.66 -10.51 13.37
N ARG A 63 -0.56 -11.79 13.68
CA ARG A 63 -0.02 -12.26 14.94
C ARG A 63 1.38 -12.85 14.80
N ARG A 64 1.70 -13.40 13.63
CA ARG A 64 3.03 -13.91 13.36
C ARG A 64 3.52 -13.31 12.06
N ILE A 65 4.70 -12.71 12.11
CA ILE A 65 5.28 -12.03 10.95
C ILE A 65 6.67 -12.60 10.70
N LEU A 66 6.99 -12.85 9.42
CA LEU A 66 8.31 -13.29 9.00
C LEU A 66 8.97 -12.19 8.20
N GLU A 67 10.21 -11.84 8.57
CA GLU A 67 10.99 -10.84 7.85
C GLU A 67 12.29 -11.47 7.38
N ILE A 68 12.58 -11.30 6.10
CA ILE A 68 13.81 -11.79 5.50
C ILE A 68 14.67 -10.57 5.18
N GLY A 69 15.68 -10.33 6.02
CA GLY A 69 16.54 -9.17 5.87
C GLY A 69 16.41 -8.13 6.97
N THR A 70 16.93 -8.44 8.15
CA THR A 70 16.81 -7.55 9.31
C THR A 70 17.57 -6.25 9.10
N PHE A 71 18.77 -6.31 8.52
CA PHE A 71 19.73 -5.24 8.55
C PHE A 71 19.83 -4.69 9.97
N GLY A 72 19.57 -3.38 10.15
CA GLY A 72 19.72 -2.73 11.44
C GLY A 72 18.48 -2.70 12.30
N GLY A 73 17.39 -3.35 11.87
CA GLY A 73 16.20 -3.44 12.67
C GLY A 73 15.17 -2.35 12.46
N TYR A 74 15.37 -1.47 11.47
CA TYR A 74 14.43 -0.36 11.29
C TYR A 74 13.06 -0.88 10.87
N SER A 75 12.98 -1.64 9.78
CA SER A 75 11.71 -2.24 9.41
C SER A 75 11.21 -3.17 10.52
N SER A 76 12.14 -3.84 11.21
CA SER A 76 11.76 -4.80 12.25
C SER A 76 10.97 -4.14 13.36
N ILE A 77 11.39 -2.94 13.78
CA ILE A 77 10.67 -2.24 14.86
C ILE A 77 9.24 -1.95 14.41
N TRP A 78 9.08 -1.43 13.19
CA TRP A 78 7.75 -1.11 12.70
C TRP A 78 6.87 -2.35 12.65
N LEU A 79 7.42 -3.48 12.20
CA LEU A 79 6.62 -4.70 12.12
C LEU A 79 6.29 -5.23 13.51
N ALA A 80 7.27 -5.27 14.41
CA ALA A 80 7.03 -5.79 15.75
C ALA A 80 6.02 -4.95 16.50
N ARG A 81 6.01 -3.63 16.25
CA ARG A 81 5.07 -2.77 16.96
C ARG A 81 3.63 -2.91 16.47
N ALA A 82 3.41 -3.62 15.36
CA ALA A 82 2.06 -3.96 14.93
C ALA A 82 1.51 -5.17 15.66
N LEU A 83 2.33 -5.90 16.40
CA LEU A 83 1.95 -7.20 16.93
C LEU A 83 1.14 -7.07 18.22
N PRO A 84 0.24 -8.01 18.47
CA PRO A 84 -0.38 -8.12 19.79
C PRO A 84 0.59 -8.71 20.78
N PRO A 85 0.27 -8.67 22.08
CA PRO A 85 1.23 -9.16 23.07
C PRO A 85 1.59 -10.62 22.94
N ASP A 86 0.76 -11.44 22.28
CA ASP A 86 1.09 -12.84 22.05
C ASP A 86 1.66 -13.08 20.65
N GLY A 87 2.05 -12.01 19.96
CA GLY A 87 2.56 -12.15 18.61
C GLY A 87 4.06 -12.41 18.57
N ARG A 88 4.57 -12.66 17.36
CA ARG A 88 5.99 -12.85 17.19
C ARG A 88 6.41 -12.38 15.80
N LEU A 89 7.56 -11.72 15.76
CA LEU A 89 8.28 -11.40 14.53
C LEU A 89 9.50 -12.31 14.47
N VAL A 90 9.59 -13.11 13.42
CA VAL A 90 10.77 -13.92 13.15
C VAL A 90 11.53 -13.20 12.05
N THR A 91 12.78 -12.83 12.31
CA THR A 91 13.55 -12.08 11.33
C THR A 91 14.92 -12.72 11.12
N ILE A 92 15.39 -12.66 9.87
CA ILE A 92 16.58 -13.35 9.42
C ILE A 92 17.58 -12.35 8.86
N GLU A 93 18.84 -12.50 9.23
CA GLU A 93 19.92 -11.64 8.76
C GLU A 93 21.20 -12.43 8.61
N TRP A 94 21.88 -12.25 7.46
CA TRP A 94 23.10 -13.00 7.17
C TRP A 94 24.32 -12.47 7.93
N GLU A 95 24.39 -11.16 8.17
CA GLU A 95 25.56 -10.55 8.79
CA GLU A 95 25.56 -10.55 8.78
C GLU A 95 25.34 -10.44 10.30
N ARG A 96 26.18 -11.13 11.08
CA ARG A 96 25.98 -11.13 12.53
C ARG A 96 26.08 -9.72 13.11
N SER A 97 27.02 -8.92 12.63
CA SER A 97 27.20 -7.58 13.20
CA SER A 97 27.20 -7.58 13.20
C SER A 97 25.95 -6.72 13.00
N PHE A 98 25.29 -6.85 11.85
CA PHE A 98 24.03 -6.15 11.63
C PHE A 98 22.97 -6.65 12.61
N ALA A 99 22.83 -7.97 12.70
CA ALA A 99 21.82 -8.54 13.58
C ALA A 99 22.02 -8.12 15.03
N GLU A 100 23.28 -8.01 15.46
CA GLU A 100 23.55 -7.57 16.83
C GLU A 100 23.17 -6.12 17.03
N SER A 101 23.41 -5.27 16.02
CA SER A 101 22.94 -3.89 16.08
C SER A 101 21.43 -3.84 16.17
N ALA A 102 20.75 -4.62 15.33
CA ALA A 102 19.29 -4.67 15.37
C ALA A 102 18.78 -5.10 16.74
N ALA A 103 19.44 -6.10 17.35
CA ALA A 103 19.03 -6.55 18.67
C ALA A 103 19.01 -5.40 19.66
N SER A 104 20.02 -4.54 19.61
CA SER A 104 20.07 -3.39 20.52
C SER A 104 18.92 -2.43 20.27
N ARG A 105 18.59 -2.19 18.99
CA ARG A 105 17.46 -1.31 18.67
C ARG A 105 16.14 -1.91 19.14
N LEU A 106 15.95 -3.21 18.92
CA LEU A 106 14.69 -3.83 19.31
C LEU A 106 14.50 -3.80 20.83
N ALA A 107 15.59 -3.93 21.58
CA ALA A 107 15.51 -3.78 23.03
C ALA A 107 15.13 -2.36 23.41
N GLU A 108 15.80 -1.37 22.81
CA GLU A 108 15.46 0.03 23.06
C GLU A 108 14.00 0.30 22.72
N ALA A 109 13.50 -0.35 21.67
CA ALA A 109 12.13 -0.13 21.21
C ALA A 109 11.09 -0.77 22.11
N GLY A 110 11.49 -1.63 23.05
CA GLY A 110 10.56 -2.30 23.91
C GLY A 110 9.85 -3.50 23.31
N VAL A 111 10.42 -4.12 22.27
CA VAL A 111 9.77 -5.21 21.57
C VAL A 111 10.60 -6.47 21.53
N ALA A 112 11.67 -6.55 22.33
CA ALA A 112 12.55 -7.72 22.27
C ALA A 112 11.80 -9.00 22.59
N HIS A 113 10.80 -8.93 23.46
CA HIS A 113 10.03 -10.12 23.83
C HIS A 113 9.15 -10.62 22.68
N LEU A 114 8.99 -9.83 21.63
CA LEU A 114 8.18 -10.21 20.48
C LEU A 114 9.01 -10.68 19.29
N VAL A 115 10.33 -10.68 19.37
CA VAL A 115 11.17 -10.89 18.20
C VAL A 115 12.04 -12.11 18.41
N GLU A 116 12.10 -12.96 17.39
CA GLU A 116 12.99 -14.12 17.32
C GLU A 116 13.94 -13.88 16.16
N GLN A 117 15.19 -13.55 16.47
CA GLN A 117 16.19 -13.27 15.45
C GLN A 117 16.97 -14.53 15.09
N HIS A 118 17.29 -14.65 13.81
CA HIS A 118 18.14 -15.72 13.28
C HIS A 118 19.27 -15.09 12.49
N VAL A 119 20.46 -15.66 12.62
CA VAL A 119 21.64 -15.20 11.90
C VAL A 119 22.08 -16.32 10.96
N GLY A 120 22.10 -16.03 9.67
CA GLY A 120 22.58 -16.97 8.68
C GLY A 120 21.93 -16.72 7.34
N ARG A 121 22.24 -17.61 6.39
CA ARG A 121 21.66 -17.54 5.07
C ARG A 121 20.18 -17.88 5.13
N ALA A 122 19.34 -17.01 4.57
CA ALA A 122 17.90 -17.20 4.69
C ALA A 122 17.45 -18.54 4.14
N LEU A 123 18.01 -18.98 3.01
CA LEU A 123 17.56 -20.25 2.45
C LEU A 123 17.97 -21.43 3.30
N ASP A 124 18.97 -21.27 4.18
CA ASP A 124 19.29 -22.31 5.16
C ASP A 124 18.36 -22.26 6.36
N ILE A 125 17.92 -21.06 6.74
CA ILE A 125 17.12 -20.90 7.96
CA ILE A 125 17.12 -20.90 7.97
C ILE A 125 15.65 -21.19 7.70
N LEU A 126 15.12 -20.74 6.57
CA LEU A 126 13.69 -20.85 6.30
C LEU A 126 13.12 -22.25 6.51
N PRO A 127 13.74 -23.33 6.02
CA PRO A 127 13.14 -24.65 6.27
C PRO A 127 13.01 -24.98 7.75
N THR A 128 13.87 -24.41 8.61
CA THR A 128 13.80 -24.68 10.04
C THR A 128 12.62 -24.00 10.71
N LEU A 129 11.92 -23.12 10.01
CA LEU A 129 10.80 -22.39 10.56
C LEU A 129 9.46 -23.09 10.33
N ASP A 130 9.44 -24.18 9.56
CA ASP A 130 8.20 -24.89 9.27
C ASP A 130 7.93 -25.83 10.44
N ARG A 131 7.44 -25.24 11.54
CA ARG A 131 7.21 -25.98 12.76
C ARG A 131 6.10 -25.32 13.56
N PRO A 132 5.37 -26.09 14.37
CA PRO A 132 4.31 -25.49 15.18
C PRO A 132 4.85 -24.38 16.08
N GLY A 133 4.04 -23.35 16.27
CA GLY A 133 4.43 -22.21 17.08
C GLY A 133 5.23 -21.16 16.34
N THR A 134 5.74 -21.47 15.14
CA THR A 134 6.42 -20.49 14.31
C THR A 134 5.60 -20.25 13.04
N ALA A 135 5.50 -21.25 12.16
CA ALA A 135 4.51 -21.19 11.10
C ALA A 135 3.14 -21.59 11.66
N PRO A 136 2.04 -21.13 11.05
CA PRO A 136 1.98 -20.27 9.86
C PRO A 136 2.08 -18.78 10.16
N PHE A 137 2.72 -18.06 9.24
CA PHE A 137 2.82 -16.62 9.33
C PHE A 137 1.61 -15.97 8.67
N ASP A 138 1.20 -14.84 9.24
CA ASP A 138 0.14 -14.00 8.68
C ASP A 138 0.68 -12.96 7.70
N MET A 139 1.96 -12.65 7.77
CA MET A 139 2.57 -11.65 6.91
C MET A 139 4.04 -12.01 6.73
N VAL A 140 4.54 -11.79 5.53
CA VAL A 140 5.95 -12.00 5.20
C VAL A 140 6.48 -10.74 4.51
N PHE A 141 7.59 -10.22 5.00
CA PHE A 141 8.29 -9.11 4.37
C PHE A 141 9.62 -9.63 3.84
N VAL A 142 9.80 -9.55 2.52
CA VAL A 142 10.98 -10.04 1.84
C VAL A 142 11.80 -8.82 1.42
N ASP A 143 12.97 -8.66 2.03
CA ASP A 143 13.81 -7.50 1.82
C ASP A 143 15.27 -7.89 2.04
N ALA A 144 15.74 -8.90 1.33
CA ALA A 144 17.13 -9.33 1.44
C ALA A 144 17.78 -9.24 0.07
N ASN A 145 18.44 -10.31 -0.36
CA ASN A 145 19.08 -10.33 -1.67
C ASN A 145 18.06 -10.66 -2.74
N LYS A 146 18.22 -10.05 -3.91
CA LYS A 146 17.17 -10.14 -4.93
C LYS A 146 17.22 -11.43 -5.76
N PRO A 147 18.38 -12.03 -6.04
CA PRO A 147 18.36 -13.28 -6.83
C PRO A 147 17.52 -14.39 -6.23
N ASP A 148 17.38 -14.44 -4.90
CA ASP A 148 16.66 -15.54 -4.26
C ASP A 148 15.18 -15.22 -4.01
N ILE A 149 14.67 -14.11 -4.52
CA ILE A 149 13.27 -13.73 -4.30
C ILE A 149 12.33 -14.85 -4.72
N PRO A 150 12.52 -15.51 -5.88
CA PRO A 150 11.59 -16.61 -6.22
C PRO A 150 11.53 -17.69 -5.15
N GLU A 151 12.68 -18.08 -4.61
CA GLU A 151 12.74 -19.09 -3.56
C GLU A 151 12.19 -18.56 -2.25
N TYR A 152 12.42 -17.28 -1.96
CA TYR A 152 11.81 -16.69 -0.77
C TYR A 152 10.29 -16.67 -0.89
N PHE A 153 9.78 -16.39 -2.08
CA PHE A 153 8.34 -16.42 -2.30
C PHE A 153 7.79 -17.82 -2.12
N THR A 154 8.46 -18.83 -2.69
CA THR A 154 8.05 -20.21 -2.47
C THR A 154 7.96 -20.52 -0.98
N TRP A 155 8.96 -20.10 -0.22
CA TRP A 155 8.96 -20.35 1.22
C TRP A 155 7.87 -19.54 1.92
N ALA A 156 7.62 -18.31 1.46
CA ALA A 156 6.53 -17.53 2.04
C ALA A 156 5.20 -18.25 1.90
N LEU A 157 4.95 -18.86 0.74
CA LEU A 157 3.72 -19.63 0.56
C LEU A 157 3.70 -20.86 1.46
N LYS A 158 4.83 -21.58 1.54
CA LYS A 158 4.87 -22.79 2.35
C LYS A 158 4.66 -22.49 3.83
N LEU A 159 5.14 -21.34 4.29
CA LEU A 159 5.14 -20.99 5.70
C LEU A 159 3.97 -20.11 6.10
N SER A 160 3.06 -19.81 5.18
CA SER A 160 1.94 -18.94 5.53
C SER A 160 0.62 -19.68 5.36
N ARG A 161 -0.44 -18.96 5.01
CA ARG A 161 -1.79 -19.45 5.13
C ARG A 161 -2.68 -18.63 4.22
N PRO A 162 -3.86 -19.12 3.88
CA PRO A 162 -4.80 -18.27 3.14
C PRO A 162 -5.08 -17.00 3.93
N GLY A 163 -5.06 -15.86 3.23
CA GLY A 163 -5.21 -14.57 3.84
C GLY A 163 -3.90 -13.87 4.14
N ALA A 164 -2.79 -14.60 4.11
CA ALA A 164 -1.51 -14.01 4.42
C ALA A 164 -1.12 -12.95 3.39
N VAL A 165 -0.41 -11.93 3.86
CA VAL A 165 0.09 -10.84 3.02
CA VAL A 165 0.09 -10.84 3.03
C VAL A 165 1.60 -11.01 2.87
N VAL A 166 2.08 -10.93 1.64
CA VAL A 166 3.50 -10.98 1.33
C VAL A 166 3.87 -9.66 0.67
N VAL A 167 4.85 -8.97 1.24
CA VAL A 167 5.38 -7.74 0.66
C VAL A 167 6.82 -8.01 0.26
N VAL A 168 7.16 -7.73 -0.99
CA VAL A 168 8.52 -7.85 -1.50
C VAL A 168 9.01 -6.47 -1.88
N ASP A 169 10.09 -6.03 -1.25
CA ASP A 169 10.65 -4.70 -1.50
C ASP A 169 11.61 -4.71 -2.68
N ASN A 170 11.78 -3.53 -3.28
CA ASN A 170 12.84 -3.23 -4.24
C ASN A 170 12.73 -4.05 -5.52
N VAL A 171 11.54 -4.05 -6.12
CA VAL A 171 11.26 -4.90 -7.28
C VAL A 171 11.40 -4.15 -8.61
N VAL A 172 11.87 -2.90 -8.60
CA VAL A 172 11.89 -2.09 -9.81
C VAL A 172 13.26 -2.09 -10.48
N LEU A 173 14.33 -2.06 -9.70
CA LEU A 173 15.69 -2.17 -10.22
C LEU A 173 15.96 -1.15 -11.33
N GLY A 174 15.54 0.09 -11.08
CA GLY A 174 15.77 1.16 -12.02
C GLY A 174 15.05 1.01 -13.35
N GLY A 175 14.09 0.09 -13.43
CA GLY A 175 13.43 -0.22 -14.67
C GLY A 175 14.00 -1.40 -15.40
N ALA A 176 15.10 -1.99 -14.92
CA ALA A 176 15.74 -3.08 -15.62
C ALA A 176 14.86 -4.33 -15.66
N VAL A 177 13.85 -4.40 -14.80
CA VAL A 177 13.00 -5.58 -14.72
CA VAL A 177 13.01 -5.58 -14.73
C VAL A 177 12.26 -5.83 -16.03
N THR A 178 12.11 -4.82 -16.89
CA THR A 178 11.41 -5.01 -18.16
C THR A 178 12.27 -5.67 -19.22
N ASP A 179 13.54 -5.92 -18.96
CA ASP A 179 14.46 -6.40 -19.97
C ASP A 179 14.64 -7.90 -19.84
N PRO A 180 14.11 -8.72 -20.75
CA PRO A 180 14.24 -10.17 -20.59
C PRO A 180 15.67 -10.66 -20.70
N ASP A 181 16.57 -9.89 -21.32
CA ASP A 181 17.94 -10.31 -21.53
C ASP A 181 18.91 -9.71 -20.52
N HIS A 182 18.42 -9.06 -19.47
CA HIS A 182 19.35 -8.40 -18.56
C HIS A 182 20.20 -9.45 -17.85
N PRO A 183 21.52 -9.28 -17.77
CA PRO A 183 22.38 -10.32 -17.20
C PRO A 183 22.37 -10.40 -15.67
N ASP A 184 21.81 -9.42 -14.98
CA ASP A 184 21.87 -9.44 -13.52
C ASP A 184 20.92 -10.50 -12.95
N ALA A 185 21.44 -11.29 -12.01
CA ALA A 185 20.64 -12.33 -11.37
C ALA A 185 19.50 -11.73 -10.54
N GLY A 186 19.71 -10.55 -9.97
CA GLY A 186 18.64 -9.92 -9.22
C GLY A 186 17.48 -9.53 -10.12
N VAL A 187 17.78 -8.93 -11.28
CA VAL A 187 16.75 -8.60 -12.24
C VAL A 187 16.00 -9.86 -12.65
N GLN A 188 16.74 -10.92 -12.95
CA GLN A 188 16.09 -12.15 -13.40
C GLN A 188 15.30 -12.79 -12.27
N GLY A 189 15.73 -12.63 -11.03
CA GLY A 189 14.96 -13.14 -9.90
C GLY A 189 13.63 -12.43 -9.72
N VAL A 190 13.64 -11.11 -9.85
CA VAL A 190 12.40 -10.35 -9.73
C VAL A 190 11.45 -10.70 -10.88
N ARG A 191 12.01 -10.85 -12.09
CA ARG A 191 11.17 -11.25 -13.22
C ARG A 191 10.58 -12.62 -13.00
N ARG A 192 11.40 -13.58 -12.58
CA ARG A 192 10.92 -14.93 -12.30
C ARG A 192 9.80 -14.90 -11.27
N PHE A 193 9.93 -14.06 -10.25
CA PHE A 193 8.92 -13.95 -9.21
C PHE A 193 7.60 -13.44 -9.77
N HIS A 194 7.65 -12.41 -10.60
CA HIS A 194 6.43 -11.88 -11.19
C HIS A 194 5.81 -12.89 -12.14
N GLU A 195 6.64 -13.64 -12.86
CA GLU A 195 6.14 -14.71 -13.72
C GLU A 195 5.45 -15.80 -12.89
N MET A 196 6.01 -16.15 -11.73
CA MET A 196 5.36 -17.12 -10.85
C MET A 196 3.98 -16.62 -10.42
N LEU A 197 3.88 -15.34 -10.07
CA LEU A 197 2.59 -14.77 -9.71
C LEU A 197 1.60 -14.86 -10.88
N ALA A 198 2.05 -14.55 -12.10
CA ALA A 198 1.16 -14.65 -13.24
C ALA A 198 0.66 -16.08 -13.44
N GLY A 199 1.50 -17.06 -13.15
CA GLY A 199 1.23 -18.45 -13.45
C GLY A 199 0.41 -19.23 -12.44
N ARG A 200 -0.05 -18.61 -11.34
CA ARG A 200 -0.87 -19.33 -10.39
C ARG A 200 -2.00 -18.43 -9.92
N SER A 201 -3.05 -19.08 -9.39
CA SER A 201 -4.29 -18.40 -9.05
C SER A 201 -4.64 -18.49 -7.57
N ASP A 202 -3.77 -19.09 -6.74
CA ASP A 202 -3.97 -19.15 -5.30
C ASP A 202 -3.28 -17.99 -4.57
N VAL A 203 -2.78 -17.02 -5.34
CA VAL A 203 -2.22 -15.79 -4.81
CA VAL A 203 -2.21 -15.79 -4.80
C VAL A 203 -2.52 -14.70 -5.83
N THR A 204 -2.75 -13.49 -5.34
CA THR A 204 -3.09 -12.38 -6.21
C THR A 204 -2.35 -11.14 -5.72
N ALA A 205 -1.88 -10.31 -6.64
CA ALA A 205 -0.87 -9.32 -6.28
C ALA A 205 -0.95 -8.07 -7.15
N THR A 206 -0.24 -7.05 -6.69
CA THR A 206 0.00 -5.85 -7.48
C THR A 206 1.39 -5.32 -7.13
N SER A 207 1.96 -4.55 -8.04
CA SER A 207 3.23 -3.89 -7.80
C SER A 207 3.09 -2.40 -8.02
N ILE A 208 3.69 -1.63 -7.12
CA ILE A 208 3.52 -0.19 -7.06
C ILE A 208 4.90 0.45 -7.13
N GLN A 209 5.09 1.35 -8.09
CA GLN A 209 6.30 2.14 -8.18
C GLN A 209 6.20 3.36 -7.26
N THR A 210 7.28 3.65 -6.54
CA THR A 210 7.29 4.75 -5.58
C THR A 210 8.52 5.62 -5.77
N VAL A 211 8.42 6.86 -5.28
CA VAL A 211 9.57 7.74 -5.13
C VAL A 211 9.49 8.36 -3.74
N GLY A 212 10.54 9.09 -3.39
CA GLY A 212 10.70 9.61 -2.04
C GLY A 212 12.17 9.61 -1.68
N THR A 213 12.44 9.63 -0.37
CA THR A 213 13.81 9.72 0.11
C THR A 213 14.67 8.54 -0.32
N LYS A 214 14.08 7.41 -0.73
CA LYS A 214 14.84 6.27 -1.20
C LYS A 214 15.10 6.32 -2.70
N GLY A 215 14.61 7.35 -3.38
CA GLY A 215 14.69 7.40 -4.83
C GLY A 215 13.57 6.59 -5.47
N TYR A 216 13.77 6.29 -6.75
CA TYR A 216 12.79 5.55 -7.54
C TYR A 216 12.94 4.05 -7.31
N ASP A 217 11.87 3.41 -6.88
CA ASP A 217 11.85 1.96 -6.73
CA ASP A 217 11.85 1.95 -6.70
C ASP A 217 10.39 1.51 -6.64
N GLY A 218 10.14 0.37 -5.98
CA GLY A 218 8.77 -0.11 -5.88
C GLY A 218 8.70 -1.38 -5.07
N PHE A 219 7.46 -1.80 -4.79
CA PHE A 219 7.21 -2.99 -4.01
C PHE A 219 6.08 -3.79 -4.63
N THR A 220 6.04 -5.07 -4.28
CA THR A 220 4.95 -5.97 -4.64
C THR A 220 4.19 -6.35 -3.38
N LEU A 221 2.87 -6.30 -3.48
CA LEU A 221 1.98 -6.73 -2.39
CA LEU A 221 1.98 -6.73 -2.39
C LEU A 221 1.14 -7.88 -2.91
N ALA A 222 1.25 -9.02 -2.25
CA ALA A 222 0.55 -10.23 -2.64
C ALA A 222 -0.33 -10.71 -1.49
N LEU A 223 -1.52 -11.20 -1.85
CA LEU A 223 -2.46 -11.79 -0.92
C LEU A 223 -2.60 -13.27 -1.27
N VAL A 224 -2.32 -14.13 -0.29
CA VAL A 224 -2.52 -15.56 -0.50
C VAL A 224 -4.01 -15.85 -0.37
N THR A 225 -4.57 -16.51 -1.37
CA THR A 225 -5.99 -16.83 -1.35
C THR A 225 -6.29 -18.31 -1.25
N GLY A 226 -5.35 -19.17 -1.64
CA GLY A 226 -5.59 -20.61 -1.66
C GLY A 226 -6.40 -21.04 -2.88
N MET B 4 16.37 6.28 -22.08
CA MET B 4 14.88 6.28 -21.95
C MET B 4 14.42 7.42 -21.05
N MET B 5 13.38 8.13 -21.49
CA MET B 5 12.83 9.21 -20.68
C MET B 5 12.20 8.66 -19.41
N GLU B 6 12.26 9.47 -18.34
CA GLU B 6 11.76 9.04 -17.04
C GLU B 6 10.31 8.58 -17.11
N GLN B 7 9.43 9.42 -17.67
CA GLN B 7 8.02 9.04 -17.73
C GLN B 7 7.82 7.80 -18.61
N GLU B 8 8.59 7.68 -19.68
CA GLU B 8 8.54 6.46 -20.49
C GLU B 8 8.90 5.24 -19.67
N ARG B 9 9.90 5.35 -18.80
CA ARG B 9 10.30 4.25 -17.94
C ARG B 9 9.18 3.90 -16.96
N TRP B 10 8.60 4.93 -16.32
CA TRP B 10 7.50 4.69 -15.39
C TRP B 10 6.34 4.00 -16.08
N ASN B 11 5.99 4.43 -17.30
CA ASN B 11 4.93 3.76 -18.04
CA ASN B 11 4.94 3.76 -18.05
C ASN B 11 5.30 2.31 -18.32
N SER B 12 6.51 2.08 -18.84
CA SER B 12 6.90 0.73 -19.24
CA SER B 12 6.90 0.73 -19.24
C SER B 12 6.91 -0.23 -18.06
N VAL B 13 7.36 0.23 -16.90
CA VAL B 13 7.39 -0.64 -15.73
C VAL B 13 5.97 -0.98 -15.29
N ASP B 14 5.06 0.00 -15.31
CA ASP B 14 3.66 -0.26 -14.99
C ASP B 14 3.02 -1.23 -15.98
N VAL B 15 3.27 -1.03 -17.28
CA VAL B 15 2.77 -1.95 -18.28
C VAL B 15 3.29 -3.36 -17.99
N TYR B 16 4.56 -3.47 -17.62
CA TYR B 16 5.15 -4.78 -17.37
C TYR B 16 4.52 -5.44 -16.16
N PHE B 17 4.49 -4.77 -15.02
CA PHE B 17 3.90 -5.37 -13.82
C PHE B 17 2.44 -5.73 -14.05
N SER B 18 1.67 -4.81 -14.62
CA SER B 18 0.25 -5.06 -14.84
CA SER B 18 0.25 -5.07 -14.83
C SER B 18 0.03 -6.24 -15.77
N SER B 19 0.90 -6.40 -16.77
CA SER B 19 0.72 -7.50 -17.73
C SER B 19 0.77 -8.86 -17.04
N LEU B 20 1.52 -8.97 -15.95
CA LEU B 20 1.65 -10.22 -15.22
C LEU B 20 0.71 -10.33 -14.03
N LEU B 21 0.32 -9.21 -13.45
CA LEU B 21 -0.38 -9.26 -12.16
C LEU B 21 -1.84 -8.82 -12.18
N VAL B 22 -2.28 -8.03 -13.17
CA VAL B 22 -3.59 -7.40 -13.11
C VAL B 22 -4.36 -7.74 -14.38
N LYS B 23 -5.50 -8.40 -14.21
CA LYS B 23 -6.39 -8.75 -15.31
C LYS B 23 -7.56 -7.77 -15.34
N GLU B 24 -7.93 -7.36 -16.55
CA GLU B 24 -9.13 -6.57 -16.79
C GLU B 24 -10.05 -7.38 -17.69
N ASP B 25 -11.27 -7.65 -17.22
CA ASP B 25 -12.29 -8.26 -18.05
C ASP B 25 -13.06 -7.15 -18.77
N GLU B 26 -14.14 -7.52 -19.49
CA GLU B 26 -14.90 -6.56 -20.27
CA GLU B 26 -14.89 -6.55 -20.28
C GLU B 26 -15.32 -5.36 -19.43
N ALA B 27 -15.90 -5.62 -18.26
CA ALA B 27 -16.44 -4.52 -17.47
C ALA B 27 -15.35 -3.53 -17.08
N LEU B 28 -14.19 -4.04 -16.65
CA LEU B 28 -13.09 -3.16 -16.27
C LEU B 28 -12.50 -2.44 -17.48
N SER B 29 -12.30 -3.16 -18.58
CA SER B 29 -11.74 -2.54 -19.78
CA SER B 29 -11.73 -2.52 -19.78
C SER B 29 -12.66 -1.44 -20.30
N LYS B 30 -13.98 -1.66 -20.23
CA LYS B 30 -14.93 -0.63 -20.65
CA LYS B 30 -14.93 -0.63 -20.65
C LYS B 30 -14.94 0.53 -19.66
N ALA B 31 -14.96 0.23 -18.36
CA ALA B 31 -14.98 1.28 -17.36
C ALA B 31 -13.75 2.17 -17.50
N ALA B 32 -12.61 1.60 -17.87
CA ALA B 32 -11.37 2.37 -17.99
C ALA B 32 -11.42 3.41 -19.10
N GLN B 33 -12.37 3.30 -20.02
CA GLN B 33 -12.51 4.26 -21.11
CA GLN B 33 -12.53 4.26 -21.11
C GLN B 33 -13.62 5.28 -20.85
N ALA B 34 -14.19 5.31 -19.63
CA ALA B 34 -15.33 6.16 -19.36
C ALA B 34 -15.03 7.62 -19.68
N HIS B 35 -13.80 8.07 -19.45
CA HIS B 35 -13.46 9.46 -19.67
C HIS B 35 -13.64 9.87 -21.12
N ARG B 36 -13.43 8.95 -22.06
CA ARG B 36 -13.61 9.27 -23.47
C ARG B 36 -15.07 9.62 -23.77
N GLU B 37 -16.00 8.83 -23.22
CA GLU B 37 -17.42 9.18 -23.35
C GLU B 37 -17.71 10.52 -22.68
N PHE B 38 -17.10 10.78 -21.52
CA PHE B 38 -17.35 12.00 -20.77
C PHE B 38 -16.64 13.21 -21.36
N ASP B 39 -15.76 13.02 -22.34
CA ASP B 39 -14.94 14.10 -22.89
C ASP B 39 -14.08 14.74 -21.80
N LEU B 40 -13.38 13.90 -21.06
CA LEU B 40 -12.56 14.31 -19.93
C LEU B 40 -11.25 13.56 -19.95
N PRO B 41 -10.25 14.03 -19.20
CA PRO B 41 -9.04 13.23 -19.01
C PRO B 41 -9.34 11.98 -18.18
N ASP B 42 -8.40 11.04 -18.21
CA ASP B 42 -8.54 9.78 -17.48
C ASP B 42 -8.35 10.04 -16.00
N LEU B 43 -9.46 10.13 -15.26
CA LEU B 43 -9.42 10.42 -13.83
C LEU B 43 -9.39 9.17 -12.96
N ALA B 44 -9.50 8.00 -13.56
CA ALA B 44 -9.60 6.76 -12.80
C ALA B 44 -8.25 6.31 -12.28
N VAL B 45 -8.28 5.57 -11.16
CA VAL B 45 -7.08 4.88 -10.71
C VAL B 45 -6.56 4.01 -11.83
N SER B 46 -5.24 3.82 -11.88
CA SER B 46 -4.63 2.90 -12.83
C SER B 46 -4.95 1.47 -12.44
N ALA B 47 -4.63 0.53 -13.33
CA ALA B 47 -4.88 -0.87 -13.02
C ALA B 47 -4.09 -1.32 -11.78
N PRO B 48 -2.79 -1.04 -11.66
CA PRO B 48 -2.10 -1.44 -10.41
C PRO B 48 -2.70 -0.81 -9.18
N GLN B 49 -3.14 0.44 -9.28
CA GLN B 49 -3.75 1.14 -8.14
C GLN B 49 -5.10 0.55 -7.78
N GLY B 50 -5.94 0.27 -8.78
CA GLY B 50 -7.21 -0.37 -8.50
C GLY B 50 -7.02 -1.74 -7.86
N LYS B 51 -6.03 -2.49 -8.34
CA LYS B 51 -5.74 -3.78 -7.73
C LYS B 51 -5.31 -3.61 -6.27
N LEU B 52 -4.53 -2.56 -5.99
CA LEU B 52 -4.13 -2.30 -4.61
C LEU B 52 -5.34 -2.03 -3.74
N LEU B 53 -6.28 -1.20 -4.20
CA LEU B 53 -7.50 -0.95 -3.44
C LEU B 53 -8.23 -2.26 -3.14
N HIS B 54 -8.37 -3.10 -4.15
CA HIS B 54 -8.97 -4.41 -4.03
C HIS B 54 -8.28 -5.23 -2.94
N LEU B 55 -6.95 -5.29 -2.98
CA LEU B 55 -6.20 -6.09 -2.02
C LEU B 55 -6.30 -5.54 -0.61
N LEU B 56 -6.29 -4.21 -0.47
CA LEU B 56 -6.46 -3.62 0.85
C LEU B 56 -7.81 -4.00 1.45
N ALA B 57 -8.87 -3.94 0.65
CA ALA B 57 -10.19 -4.30 1.14
C ALA B 57 -10.21 -5.76 1.57
N ARG B 58 -9.63 -6.66 0.77
CA ARG B 58 -9.62 -8.07 1.12
C ARG B 58 -8.77 -8.37 2.34
N LEU B 59 -7.63 -7.67 2.47
CA LEU B 59 -6.77 -7.86 3.63
CA LEU B 59 -6.78 -7.86 3.64
C LEU B 59 -7.49 -7.46 4.92
N ARG B 60 -8.29 -6.40 4.86
CA ARG B 60 -9.11 -5.95 5.96
C ARG B 60 -10.35 -6.81 6.17
N GLN B 61 -10.66 -7.68 5.21
CA GLN B 61 -11.92 -8.41 5.19
CA GLN B 61 -11.92 -8.42 5.20
C GLN B 61 -13.09 -7.44 5.29
N ALA B 62 -13.01 -6.37 4.52
CA ALA B 62 -14.05 -5.35 4.53
C ALA B 62 -15.36 -5.93 4.05
N ARG B 63 -16.42 -5.72 4.84
CA ARG B 63 -17.77 -6.08 4.45
C ARG B 63 -18.58 -4.89 3.98
N ARG B 64 -18.22 -3.69 4.43
CA ARG B 64 -18.93 -2.47 4.07
CA ARG B 64 -18.93 -2.47 4.07
C ARG B 64 -17.89 -1.43 3.64
N ILE B 65 -18.00 -0.96 2.40
CA ILE B 65 -17.05 -0.01 1.82
C ILE B 65 -17.79 1.24 1.37
N LEU B 66 -17.20 2.39 1.64
CA LEU B 66 -17.71 3.68 1.19
C LEU B 66 -16.73 4.27 0.19
N GLU B 67 -17.24 4.72 -0.96
CA GLU B 67 -16.44 5.36 -2.00
C GLU B 67 -17.03 6.73 -2.29
N ILE B 68 -16.17 7.75 -2.29
CA ILE B 68 -16.56 9.11 -2.60
C ILE B 68 -15.89 9.45 -3.94
N GLY B 69 -16.70 9.47 -5.01
CA GLY B 69 -16.19 9.73 -6.36
C GLY B 69 -16.24 8.51 -7.28
N THR B 70 -17.44 8.16 -7.75
CA THR B 70 -17.60 6.97 -8.58
C THR B 70 -16.94 7.13 -9.95
N PHE B 71 -17.10 8.31 -10.56
CA PHE B 71 -16.74 8.52 -11.95
C PHE B 71 -17.38 7.44 -12.81
N GLY B 72 -16.59 6.69 -13.58
CA GLY B 72 -17.12 5.66 -14.45
C GLY B 72 -17.19 4.28 -13.85
N GLY B 73 -16.88 4.14 -12.56
CA GLY B 73 -16.99 2.86 -11.88
C GLY B 73 -15.76 1.98 -11.94
N TYR B 74 -14.63 2.48 -12.43
CA TYR B 74 -13.44 1.64 -12.51
C TYR B 74 -12.97 1.21 -11.11
N SER B 75 -12.68 2.18 -10.23
CA SER B 75 -12.33 1.82 -8.86
C SER B 75 -13.47 1.06 -8.19
N SER B 76 -14.71 1.39 -8.53
CA SER B 76 -15.86 0.76 -7.89
C SER B 76 -15.89 -0.75 -8.13
N ILE B 77 -15.58 -1.19 -9.35
CA ILE B 77 -15.57 -2.62 -9.63
C ILE B 77 -14.54 -3.32 -8.76
N TRP B 78 -13.33 -2.75 -8.68
CA TRP B 78 -12.28 -3.36 -7.88
C TRP B 78 -12.70 -3.49 -6.42
N LEU B 79 -13.32 -2.44 -5.87
CA LEU B 79 -13.75 -2.48 -4.48
C LEU B 79 -14.89 -3.47 -4.27
N ALA B 80 -15.90 -3.43 -5.15
CA ALA B 80 -17.03 -4.33 -5.00
C ALA B 80 -16.61 -5.79 -5.12
N ARG B 81 -15.61 -6.07 -5.97
CA ARG B 81 -15.17 -7.45 -6.12
C ARG B 81 -14.36 -7.95 -4.95
N ALA B 82 -13.96 -7.07 -4.03
CA ALA B 82 -13.32 -7.49 -2.78
C ALA B 82 -14.34 -7.93 -1.73
N LEU B 83 -15.62 -7.64 -1.94
CA LEU B 83 -16.62 -7.84 -0.90
C LEU B 83 -16.97 -9.32 -0.75
N PRO B 84 -17.38 -9.73 0.44
CA PRO B 84 -18.01 -11.04 0.60
C PRO B 84 -19.39 -11.02 -0.01
N PRO B 85 -20.04 -12.18 -0.17
CA PRO B 85 -21.35 -12.21 -0.84
C PRO B 85 -22.40 -11.33 -0.19
N ASP B 86 -22.29 -11.07 1.11
CA ASP B 86 -23.25 -10.24 1.85
C ASP B 86 -22.72 -8.85 2.12
N GLY B 87 -21.70 -8.41 1.38
CA GLY B 87 -21.11 -7.11 1.58
C GLY B 87 -21.85 -6.03 0.81
N ARG B 88 -21.43 -4.79 1.02
CA ARG B 88 -22.03 -3.65 0.34
C ARG B 88 -20.97 -2.59 0.07
N LEU B 89 -21.00 -2.05 -1.15
CA LEU B 89 -20.27 -0.85 -1.51
C LEU B 89 -21.27 0.28 -1.66
N VAL B 90 -21.07 1.35 -0.92
CA VAL B 90 -21.84 2.58 -1.07
C VAL B 90 -20.94 3.57 -1.79
N THR B 91 -21.39 4.07 -2.95
CA THR B 91 -20.57 4.97 -3.74
C THR B 91 -21.35 6.21 -4.13
N ILE B 92 -20.64 7.34 -4.17
CA ILE B 92 -21.24 8.67 -4.32
C ILE B 92 -20.63 9.37 -5.54
N GLU B 93 -21.49 9.97 -6.35
CA GLU B 93 -21.06 10.67 -7.56
C GLU B 93 -22.01 11.84 -7.81
N TRP B 94 -21.45 13.02 -8.06
CA TRP B 94 -22.32 14.19 -8.26
C TRP B 94 -22.95 14.21 -9.66
N GLU B 95 -22.23 13.72 -10.68
CA GLU B 95 -22.69 13.81 -12.06
CA GLU B 95 -22.68 13.81 -12.06
C GLU B 95 -23.54 12.60 -12.39
N ARG B 96 -24.84 12.82 -12.64
CA ARG B 96 -25.74 11.70 -12.89
C ARG B 96 -25.30 10.87 -14.09
N SER B 97 -24.84 11.52 -15.16
CA SER B 97 -24.44 10.79 -16.35
C SER B 97 -23.25 9.86 -16.06
N PHE B 98 -22.32 10.31 -15.20
CA PHE B 98 -21.22 9.44 -14.81
C PHE B 98 -21.75 8.23 -14.03
N ALA B 99 -22.62 8.50 -13.05
CA ALA B 99 -23.16 7.44 -12.21
C ALA B 99 -23.91 6.40 -13.03
N GLU B 100 -24.67 6.85 -14.04
CA GLU B 100 -25.39 5.90 -14.89
C GLU B 100 -24.44 5.05 -15.71
N SER B 101 -23.37 5.66 -16.24
CA SER B 101 -22.34 4.88 -16.92
C SER B 101 -21.73 3.85 -15.98
N ALA B 102 -21.38 4.28 -14.76
CA ALA B 102 -20.85 3.35 -13.78
C ALA B 102 -21.83 2.21 -13.49
N ALA B 103 -23.13 2.53 -13.43
CA ALA B 103 -24.13 1.49 -13.16
C ALA B 103 -24.08 0.41 -14.22
N SER B 104 -23.93 0.80 -15.50
CA SER B 104 -23.82 -0.20 -16.56
C SER B 104 -22.60 -1.08 -16.38
N ARG B 105 -21.47 -0.48 -16.00
CA ARG B 105 -20.24 -1.24 -15.79
C ARG B 105 -20.40 -2.21 -14.63
N LEU B 106 -21.03 -1.77 -13.55
CA LEU B 106 -21.18 -2.62 -12.37
C LEU B 106 -22.10 -3.80 -12.65
N ALA B 107 -23.13 -3.59 -13.47
CA ALA B 107 -23.96 -4.71 -13.91
C ALA B 107 -23.15 -5.69 -14.76
N GLU B 108 -22.39 -5.16 -15.73
CA GLU B 108 -21.53 -6.02 -16.54
C GLU B 108 -20.55 -6.80 -15.67
N ALA B 109 -20.05 -6.18 -14.60
CA ALA B 109 -19.08 -6.82 -13.73
C ALA B 109 -19.69 -7.88 -12.84
N GLY B 110 -21.02 -7.95 -12.76
CA GLY B 110 -21.68 -8.92 -11.91
C GLY B 110 -21.77 -8.54 -10.46
N VAL B 111 -21.64 -7.26 -10.12
CA VAL B 111 -21.59 -6.85 -8.73
C VAL B 111 -22.63 -5.78 -8.42
N ALA B 112 -23.54 -5.49 -9.36
CA ALA B 112 -24.51 -4.42 -9.14
C ALA B 112 -25.34 -4.65 -7.89
N HIS B 113 -25.64 -5.91 -7.57
CA HIS B 113 -26.46 -6.23 -6.40
C HIS B 113 -25.74 -5.97 -5.09
N LEU B 114 -24.44 -5.70 -5.13
CA LEU B 114 -23.66 -5.38 -3.95
C LEU B 114 -23.44 -3.88 -3.78
N VAL B 115 -23.96 -3.07 -4.69
CA VAL B 115 -23.60 -1.65 -4.75
C VAL B 115 -24.84 -0.80 -4.55
N GLU B 116 -24.71 0.22 -3.70
CA GLU B 116 -25.72 1.23 -3.46
C GLU B 116 -25.15 2.55 -3.95
N GLN B 117 -25.63 3.02 -5.11
CA GLN B 117 -25.13 4.25 -5.70
C GLN B 117 -25.97 5.45 -5.27
N HIS B 118 -25.28 6.55 -5.01
CA HIS B 118 -25.91 7.82 -4.69
C HIS B 118 -25.45 8.88 -5.69
N VAL B 119 -26.38 9.72 -6.11
CA VAL B 119 -26.09 10.82 -7.01
C VAL B 119 -26.32 12.12 -6.27
N GLY B 120 -25.31 12.95 -6.20
CA GLY B 120 -25.44 14.25 -5.57
C GLY B 120 -24.12 14.71 -5.00
N ARG B 121 -24.18 15.87 -4.34
CA ARG B 121 -23.00 16.43 -3.69
CA ARG B 121 -23.01 16.44 -3.70
C ARG B 121 -22.64 15.60 -2.48
N ALA B 122 -21.37 15.19 -2.40
CA ALA B 122 -20.98 14.24 -1.35
C ALA B 122 -21.25 14.79 0.05
N LEU B 123 -20.97 16.07 0.29
CA LEU B 123 -21.22 16.60 1.62
C LEU B 123 -22.70 16.72 1.94
N ASP B 124 -23.57 16.69 0.93
CA ASP B 124 -25.01 16.59 1.18
C ASP B 124 -25.40 15.16 1.54
N ILE B 125 -24.77 14.18 0.89
CA ILE B 125 -25.17 12.78 1.02
C ILE B 125 -24.60 12.14 2.29
N LEU B 126 -23.35 12.41 2.60
CA LEU B 126 -22.69 11.72 3.71
C LEU B 126 -23.45 11.81 5.03
N PRO B 127 -24.00 12.95 5.44
CA PRO B 127 -24.77 12.96 6.70
C PRO B 127 -25.93 11.99 6.70
N THR B 128 -26.53 11.74 5.54
CA THR B 128 -27.68 10.85 5.47
C THR B 128 -27.28 9.40 5.64
N LEU B 129 -26.00 9.07 5.53
CA LEU B 129 -25.55 7.69 5.68
C LEU B 129 -25.41 7.28 7.15
N ASP B 130 -25.44 8.24 8.08
CA ASP B 130 -25.40 7.94 9.51
C ASP B 130 -26.83 7.61 9.94
N ARG B 131 -27.22 6.37 9.69
CA ARG B 131 -28.63 6.00 9.76
C ARG B 131 -28.84 4.79 10.65
N PRO B 132 -29.90 4.77 11.46
CA PRO B 132 -30.20 3.58 12.26
C PRO B 132 -30.38 2.35 11.37
N GLY B 133 -29.72 1.26 11.74
CA GLY B 133 -29.81 0.02 11.01
C GLY B 133 -28.68 -0.21 10.03
N THR B 134 -27.82 0.78 9.83
CA THR B 134 -26.69 0.64 8.91
C THR B 134 -25.42 0.37 9.70
N ALA B 135 -24.69 -0.67 9.30
CA ALA B 135 -23.43 -0.99 9.95
C ALA B 135 -22.38 0.05 9.59
N PRO B 136 -21.37 0.24 10.44
CA PRO B 136 -20.28 1.15 10.09
C PRO B 136 -19.47 0.62 8.92
N PHE B 137 -18.77 1.53 8.24
CA PHE B 137 -17.91 1.14 7.14
C PHE B 137 -16.59 0.58 7.66
N ASP B 138 -16.07 -0.40 6.94
CA ASP B 138 -14.75 -0.99 7.20
C ASP B 138 -13.66 -0.36 6.37
N MET B 139 -14.03 0.35 5.31
CA MET B 139 -13.05 0.97 4.42
C MET B 139 -13.73 2.13 3.73
N VAL B 140 -12.98 3.21 3.54
CA VAL B 140 -13.46 4.40 2.84
C VAL B 140 -12.41 4.79 1.82
N PHE B 141 -12.83 4.96 0.57
CA PHE B 141 -11.97 5.48 -0.49
C PHE B 141 -12.44 6.88 -0.85
N VAL B 142 -11.56 7.86 -0.66
CA VAL B 142 -11.87 9.26 -0.90
C VAL B 142 -11.18 9.66 -2.19
N ASP B 143 -11.97 9.92 -3.23
CA ASP B 143 -11.41 10.20 -4.55
C ASP B 143 -12.36 11.09 -5.33
N ALA B 144 -12.70 12.25 -4.75
CA ALA B 144 -13.57 13.21 -5.42
C ALA B 144 -12.84 14.53 -5.58
N ASN B 145 -13.49 15.64 -5.19
CA ASN B 145 -12.85 16.94 -5.26
C ASN B 145 -11.91 17.14 -4.06
N LYS B 146 -10.87 17.92 -4.27
CA LYS B 146 -9.81 18.01 -3.27
C LYS B 146 -10.13 18.98 -2.12
N PRO B 147 -10.80 20.12 -2.37
CA PRO B 147 -11.02 21.06 -1.27
C PRO B 147 -11.79 20.48 -0.09
N ASP B 148 -12.65 19.49 -0.33
CA ASP B 148 -13.50 18.94 0.72
C ASP B 148 -12.89 17.73 1.41
N ILE B 149 -11.65 17.37 1.08
CA ILE B 149 -11.01 16.18 1.65
C ILE B 149 -11.06 16.22 3.17
N PRO B 150 -10.76 17.36 3.83
CA PRO B 150 -10.84 17.37 5.30
C PRO B 150 -12.18 16.94 5.85
N GLU B 151 -13.28 17.38 5.22
CA GLU B 151 -14.61 17.01 5.69
C GLU B 151 -15.00 15.61 5.25
N TYR B 152 -14.50 15.14 4.10
CA TYR B 152 -14.65 13.73 3.78
C TYR B 152 -13.97 12.86 4.81
N PHE B 153 -12.80 13.29 5.28
CA PHE B 153 -12.06 12.56 6.30
C PHE B 153 -12.82 12.51 7.62
N THR B 154 -13.34 13.66 8.09
CA THR B 154 -14.09 13.58 9.34
C THR B 154 -15.39 12.80 9.18
N TRP B 155 -16.00 12.81 7.98
CA TRP B 155 -17.15 11.93 7.78
C TRP B 155 -16.74 10.47 7.77
N ALA B 156 -15.58 10.17 7.16
CA ALA B 156 -15.07 8.80 7.19
C ALA B 156 -14.90 8.30 8.61
N LEU B 157 -14.37 9.14 9.50
CA LEU B 157 -14.24 8.75 10.91
C LEU B 157 -15.61 8.55 11.55
N LYS B 158 -16.55 9.45 11.29
CA LYS B 158 -17.87 9.36 11.90
C LYS B 158 -18.61 8.11 11.44
N LEU B 159 -18.40 7.67 10.20
CA LEU B 159 -19.17 6.59 9.61
C LEU B 159 -18.47 5.24 9.66
N SER B 160 -17.28 5.17 10.23
CA SER B 160 -16.50 3.94 10.25
CA SER B 160 -16.49 3.95 10.26
C SER B 160 -16.28 3.49 11.69
N ARG B 161 -15.67 2.32 11.84
CA ARG B 161 -15.39 1.71 13.12
C ARG B 161 -13.89 1.62 13.34
N PRO B 162 -13.44 1.45 14.58
CA PRO B 162 -12.02 1.16 14.80
C PRO B 162 -11.58 -0.04 13.98
N GLY B 163 -10.41 0.08 13.36
CA GLY B 163 -9.92 -0.90 12.44
C GLY B 163 -10.13 -0.54 10.99
N ALA B 164 -11.00 0.42 10.71
CA ALA B 164 -11.30 0.78 9.34
C ALA B 164 -10.07 1.37 8.66
N VAL B 165 -9.97 1.16 7.35
CA VAL B 165 -8.91 1.73 6.54
C VAL B 165 -9.50 2.83 5.66
N VAL B 166 -8.82 3.98 5.63
CA VAL B 166 -9.21 5.11 4.80
C VAL B 166 -8.08 5.39 3.83
N VAL B 167 -8.40 5.42 2.54
CA VAL B 167 -7.43 5.75 1.50
C VAL B 167 -7.90 7.03 0.81
N VAL B 168 -7.01 8.00 0.70
CA VAL B 168 -7.27 9.25 -0.01
C VAL B 168 -6.33 9.32 -1.19
N ASP B 169 -6.89 9.46 -2.39
CA ASP B 169 -6.07 9.50 -3.60
C ASP B 169 -5.65 10.92 -3.92
N ASN B 170 -4.56 11.02 -4.69
CA ASN B 170 -4.13 12.26 -5.36
C ASN B 170 -3.74 13.36 -4.38
N VAL B 171 -2.89 13.01 -3.40
CA VAL B 171 -2.53 13.94 -2.34
C VAL B 171 -1.24 14.69 -2.60
N VAL B 172 -0.55 14.44 -3.71
CA VAL B 172 0.76 15.05 -3.92
C VAL B 172 0.67 16.36 -4.69
N LEU B 173 -0.23 16.44 -5.68
CA LEU B 173 -0.49 17.69 -6.41
C LEU B 173 0.80 18.29 -6.95
N GLY B 174 1.64 17.44 -7.53
CA GLY B 174 2.89 17.87 -8.13
C GLY B 174 3.90 18.42 -7.16
N GLY B 175 3.72 18.17 -5.86
CA GLY B 175 4.57 18.74 -4.83
C GLY B 175 4.06 20.05 -4.25
N ALA B 176 2.94 20.56 -4.75
CA ALA B 176 2.40 21.83 -4.27
C ALA B 176 2.03 21.77 -2.80
N VAL B 177 1.81 20.57 -2.25
CA VAL B 177 1.33 20.46 -0.87
C VAL B 177 2.34 20.97 0.14
N THR B 178 3.61 21.12 -0.24
CA THR B 178 4.60 21.63 0.71
C THR B 178 4.54 23.15 0.84
N ASP B 179 3.70 23.83 0.05
CA ASP B 179 3.72 25.28 -0.03
C ASP B 179 2.61 25.87 0.83
N PRO B 180 2.91 26.51 1.96
CA PRO B 180 1.83 27.06 2.80
C PRO B 180 1.09 28.21 2.15
N ASP B 181 1.66 28.86 1.14
CA ASP B 181 1.07 30.02 0.50
C ASP B 181 0.38 29.69 -0.81
N HIS B 182 0.24 28.41 -1.13
CA HIS B 182 -0.35 28.05 -2.41
C HIS B 182 -1.80 28.54 -2.46
N PRO B 183 -2.21 29.21 -3.55
CA PRO B 183 -3.58 29.77 -3.58
C PRO B 183 -4.67 28.75 -3.83
N ASP B 184 -4.35 27.55 -4.29
CA ASP B 184 -5.37 26.60 -4.72
C ASP B 184 -6.07 25.96 -3.52
N ALA B 185 -7.41 25.96 -3.56
CA ALA B 185 -8.19 25.41 -2.45
C ALA B 185 -7.99 23.92 -2.29
N GLY B 186 -7.74 23.20 -3.39
CA GLY B 186 -7.46 21.77 -3.27
C GLY B 186 -6.14 21.49 -2.57
N VAL B 187 -5.10 22.24 -2.93
CA VAL B 187 -3.82 22.12 -2.24
C VAL B 187 -4.01 22.38 -0.76
N GLN B 188 -4.70 23.47 -0.42
CA GLN B 188 -4.90 23.80 0.98
C GLN B 188 -5.76 22.76 1.68
N GLY B 189 -6.70 22.13 0.95
CA GLY B 189 -7.49 21.06 1.55
C GLY B 189 -6.66 19.84 1.89
N VAL B 190 -5.79 19.42 0.97
CA VAL B 190 -4.89 18.32 1.27
C VAL B 190 -3.99 18.66 2.45
N ARG B 191 -3.47 19.89 2.50
CA ARG B 191 -2.64 20.30 3.62
C ARG B 191 -3.42 20.23 4.92
N ARG B 192 -4.64 20.78 4.93
CA ARG B 192 -5.43 20.79 6.16
C ARG B 192 -5.73 19.37 6.62
N PHE B 193 -6.00 18.46 5.68
CA PHE B 193 -6.24 17.06 6.00
C PHE B 193 -5.02 16.44 6.69
N HIS B 194 -3.82 16.68 6.17
CA HIS B 194 -2.63 16.12 6.81
C HIS B 194 -2.40 16.75 8.18
N GLU B 195 -2.68 18.05 8.32
CA GLU B 195 -2.59 18.69 9.62
C GLU B 195 -3.57 18.08 10.61
N MET B 196 -4.77 17.75 10.15
CA MET B 196 -5.75 17.10 11.03
C MET B 196 -5.25 15.73 11.50
N LEU B 197 -4.64 14.96 10.60
CA LEU B 197 -4.06 13.69 11.00
C LEU B 197 -2.98 13.89 12.07
N ALA B 198 -2.12 14.90 11.88
CA ALA B 198 -1.09 15.18 12.87
C ALA B 198 -1.71 15.51 14.22
N GLY B 199 -2.85 16.19 14.22
CA GLY B 199 -3.44 16.74 15.42
C GLY B 199 -4.37 15.83 16.18
N ARG B 200 -4.49 14.55 15.81
CA ARG B 200 -5.32 13.65 16.58
C ARG B 200 -4.67 12.28 16.64
N SER B 201 -5.11 11.49 17.63
CA SER B 201 -4.45 10.25 17.98
C SER B 201 -5.35 9.02 17.83
N ASP B 202 -6.59 9.19 17.39
CA ASP B 202 -7.52 8.09 17.20
C ASP B 202 -7.47 7.54 15.78
N VAL B 203 -6.49 7.98 15.01
CA VAL B 203 -6.25 7.49 13.66
C VAL B 203 -4.76 7.69 13.38
N THR B 204 -4.19 6.81 12.57
CA THR B 204 -2.76 6.84 12.29
C THR B 204 -2.53 6.50 10.83
N ALA B 205 -1.57 7.17 10.20
CA ALA B 205 -1.55 7.19 8.74
C ALA B 205 -0.13 7.30 8.20
N THR B 206 -0.03 7.07 6.89
CA THR B 206 1.18 7.32 6.13
C THR B 206 0.79 7.78 4.74
N SER B 207 1.71 8.45 4.06
CA SER B 207 1.49 8.93 2.71
CA SER B 207 1.49 8.92 2.71
C SER B 207 2.64 8.46 1.84
N ILE B 208 2.31 7.96 0.65
CA ILE B 208 3.23 7.31 -0.26
C ILE B 208 3.19 8.03 -1.59
N GLN B 209 4.36 8.45 -2.10
CA GLN B 209 4.46 9.03 -3.44
CA GLN B 209 4.44 9.01 -3.44
C GLN B 209 4.63 7.90 -4.45
N THR B 210 3.82 7.91 -5.49
CA THR B 210 3.85 6.88 -6.52
C THR B 210 4.15 7.49 -7.88
N VAL B 211 4.67 6.65 -8.76
CA VAL B 211 4.80 6.98 -10.18
C VAL B 211 4.30 5.79 -10.98
N GLY B 212 4.09 6.02 -12.26
CA GLY B 212 3.52 5.02 -13.15
C GLY B 212 2.90 5.70 -14.36
N THR B 213 1.92 5.02 -14.94
CA THR B 213 1.30 5.50 -16.18
C THR B 213 0.66 6.87 -16.01
N LYS B 214 0.24 7.22 -14.80
CA LYS B 214 -0.40 8.50 -14.54
C LYS B 214 0.57 9.57 -14.06
N GLY B 215 1.86 9.27 -14.05
CA GLY B 215 2.85 10.22 -13.61
C GLY B 215 3.03 10.22 -12.10
N TYR B 216 3.59 11.32 -11.62
CA TYR B 216 3.95 11.48 -10.23
C TYR B 216 2.74 11.95 -9.43
N ASP B 217 2.41 11.22 -8.37
CA ASP B 217 1.28 11.53 -7.50
C ASP B 217 1.47 10.75 -6.21
N GLY B 218 0.40 10.50 -5.48
CA GLY B 218 0.52 9.77 -4.24
C GLY B 218 -0.82 9.61 -3.56
N PHE B 219 -0.81 8.82 -2.50
CA PHE B 219 -2.00 8.52 -1.73
C PHE B 219 -1.67 8.51 -0.25
N THR B 220 -2.71 8.68 0.57
CA THR B 220 -2.62 8.55 2.01
C THR B 220 -3.42 7.34 2.45
N LEU B 221 -2.85 6.56 3.36
CA LEU B 221 -3.52 5.40 3.94
C LEU B 221 -3.58 5.60 5.44
N ALA B 222 -4.79 5.56 6.00
CA ALA B 222 -5.02 5.76 7.42
C ALA B 222 -5.74 4.57 8.01
N LEU B 223 -5.36 4.23 9.22
CA LEU B 223 -6.02 3.21 10.03
C LEU B 223 -6.71 3.89 11.20
N VAL B 224 -8.03 3.69 11.31
CA VAL B 224 -8.78 4.22 12.45
C VAL B 224 -8.51 3.34 13.65
N THR B 225 -8.10 3.96 14.76
CA THR B 225 -7.79 3.20 15.97
C THR B 225 -8.74 3.46 17.12
N GLY B 226 -9.46 4.58 17.10
CA GLY B 226 -10.29 4.96 18.23
C GLY B 226 -9.48 5.55 19.37
#